data_6VC2
#
_entry.id   6VC2
#
_cell.length_a   46.608
_cell.length_b   46.608
_cell.length_c   220.890
_cell.angle_alpha   90.000
_cell.angle_beta   90.000
_cell.angle_gamma   90.000
#
_symmetry.space_group_name_H-M   'P 43 21 2'
#
loop_
_entity.id
_entity.type
_entity.pdbx_description
1 polymer 'Nuclear receptor subfamily 5 group A member 2'
2 polymer 'Nuclear receptor coactivator 2'
3 non-polymer (1S,3aS,6aS)-5-hexyl-4-phenyl-3a-(1-phenylethenyl)-1,2,3,3a,6,6a-hexahydropentalen-1-ol
4 water water
#
loop_
_entity_poly.entity_id
_entity_poly.type
_entity_poly.pdbx_seq_one_letter_code
_entity_poly.pdbx_strand_id
1 'polypeptide(L)'
;SNASIPHLILELLKCEPDEPQVQAKIMAYLQQEQANRSKHEKLSTFGLMCKMADQTLFSIVEWARSSIFFRELKVDDQMK
LLQNCWSELLILDHIYRQVVHGKEGSIFLVTGQQVDYSIIASQAGATLNNLMSHAQELVAKLRSLQFDQREFVCLKFLVL
FSLDVKNLENFQLVEGVQEQVNAALLDYTMCNYPQQTEKFGQLLLRLPEIRAISMQAEEYLYYKHLNGDVPYNNLLIEML
HAKRA
;
A
2 'polypeptide(L)' KENALLRYLLDKDDT C
#
# COMPACT_ATOMS: atom_id res chain seq x y z
N SER A 4 5.58 26.26 2.91
CA SER A 4 4.14 26.14 3.06
C SER A 4 3.63 24.83 2.47
N ILE A 5 2.39 24.49 2.79
CA ILE A 5 1.76 23.25 2.32
C ILE A 5 0.49 23.62 1.58
N PRO A 6 0.32 23.19 0.32
CA PRO A 6 -0.96 23.40 -0.36
C PRO A 6 -2.12 22.87 0.46
N HIS A 7 -3.23 23.60 0.44
N HIS A 7 -3.23 23.61 0.44
CA HIS A 7 -4.39 23.22 1.25
CA HIS A 7 -4.39 23.22 1.24
C HIS A 7 -4.91 21.84 0.87
C HIS A 7 -4.87 21.81 0.88
N LEU A 8 -4.76 21.43 -0.39
CA LEU A 8 -5.20 20.11 -0.81
C LEU A 8 -4.41 19.01 -0.09
N ILE A 9 -3.10 19.20 0.06
CA ILE A 9 -2.27 18.21 0.74
C ILE A 9 -2.66 18.13 2.22
N LEU A 10 -2.99 19.27 2.83
CA LEU A 10 -3.47 19.24 4.21
C LEU A 10 -4.73 18.42 4.35
N GLU A 11 -5.63 18.52 3.36
CA GLU A 11 -6.84 17.69 3.38
C GLU A 11 -6.51 16.22 3.24
N LEU A 12 -5.53 15.88 2.40
CA LEU A 12 -5.09 14.50 2.29
C LEU A 12 -4.50 14.00 3.60
N LEU A 13 -3.73 14.86 4.29
CA LEU A 13 -3.08 14.45 5.54
C LEU A 13 -4.10 14.14 6.63
N LYS A 14 -5.23 14.87 6.65
CA LYS A 14 -6.30 14.54 7.58
C LYS A 14 -6.76 13.09 7.46
N CYS A 15 -6.87 12.60 6.24
CA CYS A 15 -7.45 11.28 6.00
C CYS A 15 -6.52 10.14 6.39
N GLU A 16 -5.31 10.45 6.85
CA GLU A 16 -4.36 9.40 7.20
C GLU A 16 -4.82 8.63 8.43
N PRO A 17 -4.66 7.32 8.44
CA PRO A 17 -5.10 6.54 9.59
C PRO A 17 -4.21 6.76 10.81
N ASP A 18 -4.75 6.37 11.96
CA ASP A 18 -4.00 6.35 13.21
C ASP A 18 -3.07 5.14 13.16
N GLU A 19 -1.81 5.38 12.76
CA GLU A 19 -0.92 4.26 12.46
C GLU A 19 -0.60 3.39 13.67
N PRO A 20 -0.36 3.91 14.88
CA PRO A 20 -0.19 3.00 16.02
C PRO A 20 -1.37 2.05 16.23
N GLN A 21 -2.61 2.55 16.12
CA GLN A 21 -3.74 1.66 16.34
C GLN A 21 -3.91 0.67 15.20
N VAL A 22 -3.64 1.10 13.96
CA VAL A 22 -3.69 0.17 12.83
C VAL A 22 -2.70 -0.96 13.03
N GLN A 23 -1.46 -0.62 13.37
CA GLN A 23 -0.43 -1.64 13.58
C GLN A 23 -0.73 -2.50 14.81
N ALA A 24 -1.23 -1.88 15.88
CA ALA A 24 -1.57 -2.65 17.08
C ALA A 24 -2.67 -3.65 16.81
N LYS A 25 -3.68 -3.26 16.02
CA LYS A 25 -4.78 -4.16 15.73
C LYS A 25 -4.32 -5.36 14.91
N ILE A 26 -3.44 -5.12 13.94
CA ILE A 26 -2.94 -6.23 13.12
C ILE A 26 -2.06 -7.14 13.96
N MET A 27 -1.15 -6.56 14.75
CA MET A 27 -0.33 -7.35 15.66
C MET A 27 -1.18 -8.26 16.53
N ALA A 28 -2.25 -7.70 17.11
CA ALA A 28 -3.10 -8.48 18.01
C ALA A 28 -3.84 -9.59 17.26
N TYR A 29 -4.30 -9.31 16.04
CA TYR A 29 -4.98 -10.33 15.25
C TYR A 29 -4.08 -11.53 15.01
N LEU A 30 -2.86 -11.28 14.54
CA LEU A 30 -1.94 -12.38 14.22
C LEU A 30 -1.59 -13.18 15.47
N GLN A 31 -1.56 -12.53 16.64
CA GLN A 31 -1.20 -13.23 17.87
C GLN A 31 -2.28 -14.23 18.28
N GLN A 32 -3.56 -13.83 18.20
CA GLN A 32 -4.63 -14.74 18.57
C GLN A 32 -4.75 -15.90 17.59
N GLU A 33 -4.44 -15.66 16.31
CA GLU A 33 -4.48 -16.74 15.33
C GLU A 33 -3.43 -17.81 15.62
N GLN A 34 -2.22 -17.38 15.96
CA GLN A 34 -1.17 -18.34 16.32
C GLN A 34 -1.48 -18.99 17.67
N ALA A 35 -1.92 -18.19 18.65
CA ALA A 35 -2.28 -18.74 19.96
C ALA A 35 -3.37 -19.79 19.85
N ASN A 36 -4.21 -19.71 18.81
CA ASN A 36 -5.25 -20.71 18.62
C ASN A 36 -4.66 -22.04 18.15
N ARG A 37 -3.73 -21.99 17.19
CA ARG A 37 -3.27 -23.19 16.52
C ARG A 37 -2.46 -24.08 17.44
N SER A 38 -2.59 -25.39 17.25
CA SER A 38 -1.89 -26.35 18.08
C SER A 38 -0.52 -26.66 17.51
N LYS A 39 0.27 -27.42 18.28
CA LYS A 39 1.66 -27.72 17.94
C LYS A 39 1.85 -28.05 16.45
N HIS A 40 0.97 -28.89 15.90
CA HIS A 40 1.19 -29.49 14.59
C HIS A 40 0.51 -28.75 13.44
N GLU A 41 -0.07 -27.58 13.69
CA GLU A 41 -0.72 -26.78 12.66
C GLU A 41 -0.19 -25.34 12.68
N LYS A 42 1.12 -25.20 12.79
CA LYS A 42 1.78 -23.92 12.64
C LYS A 42 1.56 -23.37 11.22
N LEU A 43 1.64 -22.05 11.11
CA LEU A 43 1.56 -21.38 9.82
C LEU A 43 2.93 -21.36 9.16
N SER A 44 2.95 -21.58 7.85
CA SER A 44 4.17 -21.34 7.08
C SER A 44 4.49 -19.85 7.08
N THR A 45 5.77 -19.53 6.90
CA THR A 45 6.18 -18.13 6.87
C THR A 45 5.43 -17.37 5.78
N PHE A 46 5.28 -17.98 4.61
CA PHE A 46 4.50 -17.36 3.54
C PHE A 46 3.04 -17.21 3.96
N GLY A 47 2.50 -18.20 4.66
CA GLY A 47 1.11 -18.12 5.08
C GLY A 47 0.84 -16.97 6.04
N LEU A 48 1.75 -16.75 7.00
CA LEU A 48 1.55 -15.66 7.94
C LEU A 48 1.74 -14.30 7.27
N MET A 49 2.61 -14.21 6.27
CA MET A 49 2.73 -12.96 5.52
C MET A 49 1.45 -12.66 4.72
N CYS A 50 0.80 -13.70 4.19
CA CYS A 50 -0.48 -13.51 3.51
C CYS A 50 -1.55 -13.00 4.48
N LYS A 51 -1.61 -13.58 5.68
CA LYS A 51 -2.57 -13.09 6.67
C LYS A 51 -2.24 -11.68 7.09
N MET A 52 -0.95 -11.35 7.21
CA MET A 52 -0.55 -9.99 7.51
C MET A 52 -0.97 -9.03 6.41
N ALA A 53 -0.75 -9.43 5.15
CA ALA A 53 -1.20 -8.61 4.03
C ALA A 53 -2.72 -8.50 4.00
N ASP A 54 -3.41 -9.61 4.30
CA ASP A 54 -4.86 -9.61 4.35
C ASP A 54 -5.38 -8.57 5.34
N GLN A 55 -4.83 -8.56 6.55
CA GLN A 55 -5.28 -7.60 7.56
C GLN A 55 -4.90 -6.17 7.19
N THR A 56 -3.75 -5.97 6.55
CA THR A 56 -3.40 -4.64 6.08
C THR A 56 -4.41 -4.15 5.05
N LEU A 57 -4.89 -5.06 4.20
CA LEU A 57 -5.88 -4.69 3.19
C LEU A 57 -7.17 -4.20 3.83
N PHE A 58 -7.60 -4.84 4.93
CA PHE A 58 -8.78 -4.35 5.63
C PHE A 58 -8.61 -2.89 6.06
N SER A 59 -7.43 -2.55 6.57
CA SER A 59 -7.20 -1.18 7.01
C SER A 59 -7.09 -0.23 5.83
N ILE A 60 -6.58 -0.71 4.69
CA ILE A 60 -6.51 0.12 3.49
C ILE A 60 -7.90 0.45 2.98
N VAL A 61 -8.80 -0.54 2.99
CA VAL A 61 -10.18 -0.29 2.54
C VAL A 61 -10.86 0.72 3.44
N GLU A 62 -10.67 0.60 4.76
CA GLU A 62 -11.30 1.56 5.66
C GLU A 62 -10.71 2.95 5.49
N TRP A 63 -9.41 3.04 5.21
CA TRP A 63 -8.80 4.34 4.94
C TRP A 63 -9.43 4.99 3.72
N ALA A 64 -9.51 4.24 2.60
CA ALA A 64 -10.06 4.78 1.37
C ALA A 64 -11.51 5.23 1.56
N ARG A 65 -12.32 4.37 2.20
CA ARG A 65 -13.75 4.64 2.29
C ARG A 65 -14.05 5.95 3.00
N SER A 66 -13.20 6.37 3.92
CA SER A 66 -13.40 7.61 4.65
C SER A 66 -12.59 8.78 4.09
N SER A 67 -11.86 8.57 2.98
CA SER A 67 -10.98 9.60 2.46
C SER A 67 -11.75 10.60 1.60
N ILE A 68 -11.27 11.84 1.60
CA ILE A 68 -11.78 12.89 0.73
C ILE A 68 -11.79 12.40 -0.71
N PHE A 69 -12.79 12.85 -1.49
CA PHE A 69 -12.98 12.50 -2.89
C PHE A 69 -13.48 11.06 -3.06
N PHE A 70 -12.74 10.09 -2.51
CA PHE A 70 -13.15 8.70 -2.62
C PHE A 70 -14.55 8.48 -2.04
N ARG A 71 -14.84 9.11 -0.91
CA ARG A 71 -16.13 8.92 -0.26
C ARG A 71 -17.29 9.54 -1.04
N GLU A 72 -17.02 10.29 -2.10
CA GLU A 72 -18.08 10.83 -2.95
C GLU A 72 -18.40 9.94 -4.14
N LEU A 73 -17.60 8.91 -4.39
CA LEU A 73 -17.88 7.96 -5.46
C LEU A 73 -18.95 6.97 -5.03
N LYS A 74 -19.75 6.52 -5.99
CA LYS A 74 -20.65 5.42 -5.75
C LYS A 74 -19.84 4.14 -5.52
N VAL A 75 -20.44 3.19 -4.81
CA VAL A 75 -19.68 2.04 -4.32
C VAL A 75 -19.10 1.22 -5.47
N ASP A 76 -19.82 1.14 -6.59
CA ASP A 76 -19.27 0.39 -7.72
C ASP A 76 -18.01 1.06 -8.29
N ASP A 77 -17.99 2.40 -8.32
CA ASP A 77 -16.77 3.11 -8.68
C ASP A 77 -15.67 2.87 -7.65
N GLN A 78 -16.03 2.88 -6.37
CA GLN A 78 -15.06 2.61 -5.31
C GLN A 78 -14.44 1.23 -5.46
N MET A 79 -15.26 0.23 -5.80
CA MET A 79 -14.74 -1.11 -5.97
C MET A 79 -13.76 -1.19 -7.14
N LYS A 80 -14.10 -0.55 -8.26
CA LYS A 80 -13.22 -0.59 -9.42
C LYS A 80 -11.88 0.04 -9.12
N LEU A 81 -11.86 1.15 -8.37
CA LEU A 81 -10.59 1.80 -8.05
C LEU A 81 -9.73 0.92 -7.15
N LEU A 82 -10.34 0.32 -6.11
CA LEU A 82 -9.57 -0.51 -5.20
C LEU A 82 -9.12 -1.82 -5.84
N GLN A 83 -9.93 -2.38 -6.75
CA GLN A 83 -9.51 -3.60 -7.42
C GLN A 83 -8.30 -3.35 -8.32
N ASN A 84 -8.13 -2.12 -8.78
CA ASN A 84 -7.02 -1.80 -9.67
C ASN A 84 -5.72 -1.53 -8.92
N CYS A 85 -5.78 -1.04 -7.68
CA CYS A 85 -4.59 -0.53 -7.01
C CYS A 85 -4.26 -1.17 -5.67
N TRP A 86 -5.00 -2.18 -5.23
CA TRP A 86 -4.82 -2.71 -3.88
C TRP A 86 -3.40 -3.20 -3.63
N SER A 87 -2.81 -3.90 -4.61
CA SER A 87 -1.45 -4.40 -4.42
C SER A 87 -0.45 -3.25 -4.43
N GLU A 88 -0.68 -2.24 -5.26
CA GLU A 88 0.17 -1.05 -5.26
C GLU A 88 0.17 -0.36 -3.91
N LEU A 89 -1.01 -0.24 -3.30
CA LEU A 89 -1.09 0.40 -1.99
C LEU A 89 -0.35 -0.40 -0.94
N LEU A 90 -0.45 -1.72 -0.99
CA LEU A 90 0.28 -2.57 -0.06
C LEU A 90 1.78 -2.39 -0.21
N ILE A 91 2.26 -2.32 -1.46
CA ILE A 91 3.69 -2.18 -1.72
C ILE A 91 4.18 -0.79 -1.32
N LEU A 92 3.41 0.24 -1.67
CA LEU A 92 3.78 1.60 -1.28
C LEU A 92 3.85 1.75 0.23
N ASP A 93 2.89 1.15 0.93
CA ASP A 93 2.91 1.17 2.39
C ASP A 93 4.15 0.45 2.94
N HIS A 94 4.49 -0.70 2.35
CA HIS A 94 5.70 -1.41 2.77
C HIS A 94 6.95 -0.58 2.53
N ILE A 95 7.03 0.05 1.36
CA ILE A 95 8.22 0.81 1.00
C ILE A 95 8.39 2.01 1.93
N TYR A 96 7.30 2.76 2.16
CA TYR A 96 7.41 3.93 3.03
C TYR A 96 7.77 3.52 4.45
N ARG A 97 7.27 2.36 4.90
CA ARG A 97 7.63 1.87 6.23
C ARG A 97 9.13 1.64 6.34
N GLN A 98 9.75 1.09 5.29
CA GLN A 98 11.21 0.91 5.32
C GLN A 98 11.93 2.24 5.24
N VAL A 99 11.38 3.22 4.51
CA VAL A 99 12.02 4.53 4.42
C VAL A 99 12.11 5.16 5.80
N VAL A 100 11.03 5.07 6.57
CA VAL A 100 10.97 5.74 7.87
C VAL A 100 11.73 4.94 8.93
N HIS A 101 11.49 3.62 8.98
CA HIS A 101 11.94 2.80 10.10
C HIS A 101 13.02 1.79 9.73
N GLY A 102 13.31 1.60 8.46
CA GLY A 102 14.16 0.49 8.05
C GLY A 102 15.61 0.70 8.47
N LYS A 103 16.24 -0.39 8.88
CA LYS A 103 17.67 -0.43 9.17
C LYS A 103 18.33 -1.48 8.31
N GLU A 104 19.63 -1.32 8.08
CA GLU A 104 20.35 -2.22 7.18
C GLU A 104 20.26 -3.66 7.67
N GLY A 105 19.92 -4.56 6.75
CA GLY A 105 19.84 -5.97 7.05
C GLY A 105 18.56 -6.43 7.70
N SER A 106 17.55 -5.56 7.81
CA SER A 106 16.30 -5.95 8.43
C SER A 106 15.12 -5.34 7.68
N ILE A 107 13.96 -5.92 7.91
CA ILE A 107 12.68 -5.47 7.35
C ILE A 107 11.76 -5.15 8.50
N PHE A 108 11.08 -4.01 8.42
N PHE A 108 11.07 -4.02 8.42
CA PHE A 108 10.11 -3.59 9.43
CA PHE A 108 10.12 -3.63 9.46
C PHE A 108 8.71 -3.94 8.95
C PHE A 108 8.71 -3.91 8.98
N LEU A 109 7.99 -4.73 9.75
CA LEU A 109 6.66 -5.20 9.37
C LEU A 109 5.58 -4.29 9.93
N VAL A 110 4.38 -4.42 9.35
CA VAL A 110 3.24 -3.62 9.78
C VAL A 110 2.84 -3.92 11.22
N THR A 111 3.30 -5.05 11.77
CA THR A 111 3.04 -5.39 13.17
C THR A 111 3.94 -4.63 14.14
N GLY A 112 4.92 -3.88 13.63
CA GLY A 112 5.92 -3.27 14.49
C GLY A 112 7.12 -4.15 14.78
N GLN A 113 7.18 -5.36 14.21
CA GLN A 113 8.34 -6.21 14.38
C GLN A 113 9.42 -5.89 13.35
N GLN A 114 10.66 -6.04 13.79
CA GLN A 114 11.83 -5.98 12.91
C GLN A 114 12.35 -7.40 12.73
N VAL A 115 12.51 -7.82 11.48
CA VAL A 115 12.97 -9.17 11.17
C VAL A 115 14.22 -9.07 10.28
N ASP A 116 15.18 -9.96 10.54
CA ASP A 116 16.42 -9.96 9.77
C ASP A 116 16.17 -10.41 8.34
N TYR A 117 16.82 -9.72 7.39
CA TYR A 117 16.68 -10.06 5.98
C TYR A 117 17.13 -11.48 5.70
N SER A 118 18.22 -11.93 6.35
CA SER A 118 18.74 -13.26 6.09
C SER A 118 17.73 -14.33 6.46
N ILE A 119 16.90 -14.08 7.47
CA ILE A 119 15.87 -15.04 7.85
C ILE A 119 14.78 -15.10 6.79
N ILE A 120 14.30 -13.93 6.36
CA ILE A 120 13.24 -13.90 5.35
C ILE A 120 13.75 -14.44 4.02
N ALA A 121 14.94 -14.01 3.61
CA ALA A 121 15.48 -14.44 2.32
C ALA A 121 15.74 -15.94 2.28
N SER A 122 15.97 -16.56 3.44
CA SER A 122 16.13 -18.00 3.46
C SER A 122 14.85 -18.72 3.07
N GLN A 123 13.70 -18.14 3.37
CA GLN A 123 12.41 -18.82 3.24
C GLN A 123 11.56 -18.31 2.08
N ALA A 124 11.86 -17.13 1.55
CA ALA A 124 10.91 -16.47 0.65
C ALA A 124 10.91 -17.06 -0.76
N GLY A 125 12.01 -17.67 -1.18
CA GLY A 125 12.12 -18.17 -2.53
C GLY A 125 12.61 -17.11 -3.50
N ALA A 126 13.00 -17.56 -4.70
CA ALA A 126 13.69 -16.69 -5.64
C ALA A 126 12.81 -15.55 -6.11
N THR A 127 11.53 -15.82 -6.40
CA THR A 127 10.68 -14.76 -6.95
C THR A 127 10.43 -13.67 -5.92
N LEU A 128 10.00 -14.05 -4.72
CA LEU A 128 9.76 -13.05 -3.69
C LEU A 128 11.04 -12.30 -3.32
N ASN A 129 12.17 -13.01 -3.27
CA ASN A 129 13.42 -12.34 -2.96
C ASN A 129 13.76 -11.30 -4.02
N ASN A 130 13.48 -11.62 -5.29
CA ASN A 130 13.73 -10.65 -6.36
C ASN A 130 12.83 -9.44 -6.21
N LEU A 131 11.53 -9.65 -5.95
CA LEU A 131 10.63 -8.53 -5.82
C LEU A 131 10.95 -7.70 -4.58
N MET A 132 11.35 -8.35 -3.49
CA MET A 132 11.74 -7.61 -2.29
C MET A 132 13.00 -6.79 -2.53
N SER A 133 13.95 -7.33 -3.29
CA SER A 133 15.16 -6.58 -3.60
C SER A 133 14.85 -5.39 -4.50
N HIS A 134 13.97 -5.57 -5.48
CA HIS A 134 13.52 -4.44 -6.29
C HIS A 134 12.88 -3.36 -5.43
N ALA A 135 12.05 -3.77 -4.47
CA ALA A 135 11.43 -2.79 -3.56
C ALA A 135 12.48 -2.10 -2.70
N GLN A 136 13.48 -2.85 -2.24
CA GLN A 136 14.54 -2.25 -1.42
C GLN A 136 15.36 -1.23 -2.21
N GLU A 137 15.52 -1.43 -3.51
CA GLU A 137 16.19 -0.44 -4.34
C GLU A 137 15.39 0.86 -4.38
N LEU A 138 14.05 0.74 -4.40
CA LEU A 138 13.21 1.94 -4.35
C LEU A 138 13.30 2.62 -2.99
N VAL A 139 13.33 1.83 -1.91
CA VAL A 139 13.52 2.39 -0.57
C VAL A 139 14.77 3.25 -0.53
N ALA A 140 15.89 2.72 -1.04
CA ALA A 140 17.15 3.44 -1.01
C ALA A 140 17.08 4.74 -1.80
N LYS A 141 16.46 4.70 -2.98
CA LYS A 141 16.32 5.92 -3.77
C LYS A 141 15.47 6.95 -3.04
N LEU A 142 14.33 6.52 -2.50
CA LEU A 142 13.42 7.45 -1.83
C LEU A 142 14.07 8.04 -0.58
N ARG A 143 14.87 7.23 0.13
CA ARG A 143 15.58 7.76 1.29
C ARG A 143 16.60 8.81 0.87
N SER A 144 17.29 8.57 -0.24
CA SER A 144 18.27 9.55 -0.74
C SER A 144 17.61 10.83 -1.24
N LEU A 145 16.32 10.78 -1.57
CA LEU A 145 15.59 11.97 -1.99
C LEU A 145 14.89 12.68 -0.84
N GLN A 146 14.97 12.14 0.38
CA GLN A 146 14.28 12.70 1.55
C GLN A 146 12.76 12.65 1.36
N PHE A 147 12.27 11.51 0.87
CA PHE A 147 10.85 11.23 0.77
C PHE A 147 10.16 11.44 2.12
N ASP A 148 9.19 12.34 2.17
CA ASP A 148 8.53 12.69 3.43
C ASP A 148 7.04 12.34 3.37
N GLN A 149 6.36 12.56 4.50
CA GLN A 149 4.98 12.12 4.64
C GLN A 149 4.03 12.86 3.71
N ARG A 150 4.29 14.14 3.44
CA ARG A 150 3.44 14.88 2.53
C ARG A 150 3.52 14.31 1.13
N GLU A 151 4.73 13.99 0.66
CA GLU A 151 4.87 13.35 -0.65
C GLU A 151 4.28 11.95 -0.65
N PHE A 152 4.37 11.24 0.48
CA PHE A 152 3.82 9.88 0.56
C PHE A 152 2.31 9.88 0.37
N VAL A 153 1.60 10.78 1.05
CA VAL A 153 0.15 10.81 0.93
CA VAL A 153 0.15 10.82 0.93
C VAL A 153 -0.27 11.24 -0.48
N CYS A 154 0.51 12.13 -1.12
CA CYS A 154 0.27 12.46 -2.51
C CYS A 154 0.34 11.22 -3.40
N LEU A 155 1.41 10.45 -3.26
CA LEU A 155 1.58 9.25 -4.05
C LEU A 155 0.49 8.23 -3.77
N LYS A 156 0.02 8.16 -2.52
CA LYS A 156 -1.09 7.28 -2.18
C LYS A 156 -2.33 7.63 -3.01
N PHE A 157 -2.65 8.92 -3.10
CA PHE A 157 -3.83 9.31 -3.86
C PHE A 157 -3.61 9.18 -5.36
N LEU A 158 -2.38 9.42 -5.84
CA LEU A 158 -2.09 9.20 -7.27
C LEU A 158 -2.21 7.74 -7.64
N VAL A 159 -1.86 6.84 -6.71
CA VAL A 159 -2.05 5.41 -6.95
C VAL A 159 -3.53 5.05 -6.93
N LEU A 160 -4.26 5.55 -5.93
CA LEU A 160 -5.67 5.21 -5.78
C LEU A 160 -6.49 5.74 -6.96
N PHE A 161 -6.28 7.00 -7.34
CA PHE A 161 -7.08 7.62 -8.39
C PHE A 161 -6.36 7.46 -9.73
N SER A 162 -6.27 6.20 -10.15
CA SER A 162 -5.51 5.85 -11.34
C SER A 162 -6.28 6.18 -12.61
N LEU A 163 -5.58 6.77 -13.57
CA LEU A 163 -6.17 6.98 -14.89
C LEU A 163 -6.31 5.69 -15.67
N ASP A 164 -5.83 4.57 -15.13
CA ASP A 164 -5.90 3.31 -15.85
C ASP A 164 -7.09 2.45 -15.45
N VAL A 165 -8.09 3.04 -14.80
CA VAL A 165 -9.31 2.34 -14.42
C VAL A 165 -10.43 2.71 -15.39
N LYS A 166 -11.08 1.69 -15.98
CA LYS A 166 -12.12 1.93 -16.98
C LYS A 166 -13.50 1.72 -16.40
N ASN A 167 -14.49 2.12 -17.21
CA ASN A 167 -15.89 1.85 -16.95
C ASN A 167 -16.34 2.51 -15.65
N LEU A 168 -15.70 3.62 -15.29
CA LEU A 168 -16.11 4.39 -14.12
C LEU A 168 -17.28 5.27 -14.50
N GLU A 169 -18.24 5.36 -13.57
CA GLU A 169 -19.32 6.32 -13.75
C GLU A 169 -18.82 7.74 -13.67
N ASN A 170 -17.93 8.03 -12.72
CA ASN A 170 -17.41 9.37 -12.53
C ASN A 170 -15.91 9.42 -12.83
N PHE A 171 -15.54 9.11 -14.07
CA PHE A 171 -14.13 9.19 -14.45
C PHE A 171 -13.60 10.62 -14.36
N GLN A 172 -14.49 11.62 -14.48
CA GLN A 172 -14.05 13.01 -14.38
C GLN A 172 -13.49 13.33 -13.01
N LEU A 173 -14.07 12.77 -11.95
CA LEU A 173 -13.52 12.99 -10.61
C LEU A 173 -12.14 12.37 -10.47
N VAL A 174 -11.97 11.13 -10.95
CA VAL A 174 -10.67 10.47 -10.88
C VAL A 174 -9.64 11.28 -11.67
N GLU A 175 -10.03 11.71 -12.87
CA GLU A 175 -9.17 12.57 -13.68
C GLU A 175 -8.83 13.86 -12.96
N GLY A 176 -9.81 14.48 -12.29
CA GLY A 176 -9.55 15.74 -11.61
C GLY A 176 -8.67 15.58 -10.39
N VAL A 177 -8.90 14.54 -9.59
CA VAL A 177 -8.05 14.31 -8.42
C VAL A 177 -6.62 14.04 -8.86
N GLN A 178 -6.45 13.23 -9.90
CA GLN A 178 -5.11 12.96 -10.42
C GLN A 178 -4.41 14.25 -10.80
N GLU A 179 -5.13 15.15 -11.48
CA GLU A 179 -4.54 16.41 -11.93
C GLU A 179 -4.22 17.34 -10.77
N GLN A 180 -5.13 17.48 -9.80
CA GLN A 180 -4.91 18.44 -8.73
C GLN A 180 -3.87 17.95 -7.74
N VAL A 181 -3.81 16.64 -7.48
CA VAL A 181 -2.78 16.11 -6.59
C VAL A 181 -1.41 16.22 -7.25
N ASN A 182 -1.34 15.97 -8.56
CA ASN A 182 -0.10 16.20 -9.29
C ASN A 182 0.35 17.64 -9.17
N ALA A 183 -0.58 18.59 -9.34
CA ALA A 183 -0.23 20.00 -9.26
C ALA A 183 0.19 20.39 -7.85
N ALA A 184 -0.45 19.81 -6.83
CA ALA A 184 -0.09 20.11 -5.45
C ALA A 184 1.27 19.55 -5.10
N LEU A 185 1.58 18.34 -5.60
CA LEU A 185 2.90 17.76 -5.35
C LEU A 185 3.99 18.55 -6.05
N LEU A 186 3.74 18.99 -7.29
CA LEU A 186 4.69 19.83 -8.00
C LEU A 186 4.95 21.12 -7.23
N ASP A 187 3.89 21.72 -6.69
CA ASP A 187 4.05 22.94 -5.89
C ASP A 187 4.78 22.65 -4.59
N TYR A 188 4.42 21.55 -3.91
CA TYR A 188 5.01 21.26 -2.61
C TYR A 188 6.50 20.99 -2.71
N THR A 189 6.92 20.18 -3.70
CA THR A 189 8.34 19.89 -3.84
C THR A 189 9.13 21.15 -4.18
N MET A 190 8.56 22.03 -5.01
CA MET A 190 9.25 23.25 -5.38
C MET A 190 9.45 24.17 -4.19
N CYS A 191 8.44 24.25 -3.31
CA CYS A 191 8.52 25.16 -2.17
C CYS A 191 9.40 24.63 -1.05
N ASN A 192 9.31 23.32 -0.77
CA ASN A 192 9.97 22.75 0.40
C ASN A 192 11.31 22.10 0.09
N TYR A 193 11.58 21.76 -1.16
CA TYR A 193 12.88 21.22 -1.57
C TYR A 193 13.36 21.93 -2.82
N PRO A 194 13.57 23.26 -2.75
CA PRO A 194 13.83 24.02 -3.97
C PRO A 194 15.12 23.65 -4.68
N GLN A 195 16.06 23.00 -3.98
CA GLN A 195 17.36 22.69 -4.57
C GLN A 195 17.39 21.37 -5.34
N GLN A 196 16.43 20.48 -5.11
CA GLN A 196 16.38 19.20 -5.84
C GLN A 196 15.39 19.33 -6.99
N THR A 197 15.91 19.81 -8.13
CA THR A 197 15.13 19.86 -9.36
C THR A 197 14.55 18.50 -9.73
N GLU A 198 15.28 17.43 -9.42
CA GLU A 198 14.93 16.09 -9.87
C GLU A 198 13.85 15.44 -9.02
N LYS A 199 13.48 16.02 -7.88
CA LYS A 199 12.68 15.30 -6.90
C LYS A 199 11.30 14.95 -7.43
N PHE A 200 10.59 15.94 -8.00
CA PHE A 200 9.26 15.69 -8.53
C PHE A 200 9.28 14.55 -9.54
N GLY A 201 10.18 14.63 -10.51
CA GLY A 201 10.26 13.58 -11.52
C GLY A 201 10.68 12.24 -10.95
N GLN A 202 11.64 12.25 -10.01
CA GLN A 202 12.06 11.00 -9.42
C GLN A 202 10.94 10.36 -8.62
N LEU A 203 10.10 11.17 -7.95
CA LEU A 203 8.95 10.62 -7.25
C LEU A 203 7.97 9.99 -8.23
N LEU A 204 7.62 10.72 -9.30
CA LEU A 204 6.65 10.22 -10.26
C LEU A 204 7.14 8.95 -10.93
N LEU A 205 8.44 8.85 -11.19
CA LEU A 205 8.94 7.66 -11.88
C LEU A 205 8.98 6.42 -11.00
N ARG A 206 8.82 6.58 -9.68
CA ARG A 206 8.67 5.39 -8.84
C ARG A 206 7.31 4.75 -9.00
N LEU A 207 6.31 5.52 -9.46
CA LEU A 207 4.96 4.96 -9.59
C LEU A 207 4.89 3.84 -10.61
N PRO A 208 5.43 3.96 -11.82
CA PRO A 208 5.45 2.79 -12.72
C PRO A 208 6.27 1.64 -12.16
N GLU A 209 7.33 1.93 -11.41
CA GLU A 209 8.13 0.87 -10.80
C GLU A 209 7.34 0.14 -9.71
N ILE A 210 6.63 0.90 -8.86
CA ILE A 210 5.78 0.28 -7.86
C ILE A 210 4.67 -0.52 -8.52
N ARG A 211 4.09 0.03 -9.59
CA ARG A 211 3.06 -0.69 -10.35
C ARG A 211 3.61 -2.01 -10.88
N ALA A 212 4.83 -1.99 -11.43
CA ALA A 212 5.44 -3.19 -11.96
C ALA A 212 5.71 -4.22 -10.87
N ILE A 213 6.29 -3.77 -9.75
CA ILE A 213 6.49 -4.68 -8.63
C ILE A 213 5.16 -5.22 -8.14
N SER A 214 4.15 -4.36 -8.05
CA SER A 214 2.85 -4.75 -7.51
C SER A 214 2.18 -5.80 -8.39
N MET A 215 2.16 -5.57 -9.71
CA MET A 215 1.48 -6.51 -10.60
C MET A 215 2.21 -7.84 -10.68
N GLN A 216 3.54 -7.80 -10.70
CA GLN A 216 4.30 -9.05 -10.64
C GLN A 216 4.07 -9.77 -9.33
N ALA A 217 3.92 -9.02 -8.23
CA ALA A 217 3.59 -9.62 -6.95
C ALA A 217 2.22 -10.29 -6.97
N GLU A 218 1.24 -9.61 -7.57
CA GLU A 218 -0.10 -10.20 -7.72
C GLU A 218 -0.03 -11.49 -8.52
N GLU A 219 0.72 -11.49 -9.63
CA GLU A 219 0.81 -12.68 -10.46
C GLU A 219 1.46 -13.83 -9.70
N TYR A 220 2.49 -13.53 -8.92
CA TYR A 220 3.12 -14.58 -8.11
C TYR A 220 2.15 -15.11 -7.06
N LEU A 221 1.41 -14.22 -6.39
CA LEU A 221 0.47 -14.66 -5.37
C LEU A 221 -0.65 -15.50 -5.98
N TYR A 222 -1.12 -15.12 -7.16
CA TYR A 222 -2.11 -15.92 -7.86
C TYR A 222 -1.57 -17.33 -8.13
N TYR A 223 -0.31 -17.41 -8.57
CA TYR A 223 0.33 -18.70 -8.78
C TYR A 223 0.35 -19.52 -7.48
N LYS A 224 0.75 -18.89 -6.38
CA LYS A 224 0.79 -19.60 -5.10
C LYS A 224 -0.59 -20.06 -4.66
N HIS A 225 -1.62 -19.27 -4.94
CA HIS A 225 -2.99 -19.68 -4.61
C HIS A 225 -3.41 -20.89 -5.46
N LEU A 226 -3.20 -20.81 -6.77
CA LEU A 226 -3.54 -21.94 -7.64
C LEU A 226 -2.72 -23.18 -7.29
N ASN A 227 -1.57 -23.01 -6.65
CA ASN A 227 -0.73 -24.12 -6.22
C ASN A 227 -1.15 -24.68 -4.87
N GLY A 228 -2.07 -24.03 -4.17
CA GLY A 228 -2.51 -24.50 -2.87
C GLY A 228 -1.74 -23.97 -1.69
N ASP A 229 -0.96 -22.89 -1.87
CA ASP A 229 -0.09 -22.37 -0.84
C ASP A 229 -0.69 -21.24 -0.03
N VAL A 230 -1.83 -20.69 -0.45
CA VAL A 230 -2.45 -19.61 0.30
C VAL A 230 -3.72 -20.10 0.99
N ASN A 234 -10.14 -15.35 2.14
CA ASN A 234 -10.08 -14.07 2.82
C ASN A 234 -10.18 -12.90 1.83
N LEU A 235 -9.92 -11.69 2.32
CA LEU A 235 -9.98 -10.52 1.44
C LEU A 235 -8.87 -10.55 0.39
N LEU A 236 -7.70 -11.05 0.76
CA LEU A 236 -6.59 -11.15 -0.17
C LEU A 236 -6.96 -11.98 -1.39
N ILE A 237 -7.55 -13.15 -1.15
CA ILE A 237 -7.95 -14.04 -2.25
C ILE A 237 -9.05 -13.40 -3.07
N GLU A 238 -10.01 -12.72 -2.42
CA GLU A 238 -11.08 -12.06 -3.15
C GLU A 238 -10.53 -10.99 -4.09
N MET A 239 -9.54 -10.21 -3.62
CA MET A 239 -8.95 -9.18 -4.47
C MET A 239 -8.18 -9.80 -5.63
N LEU A 240 -7.55 -10.96 -5.41
CA LEU A 240 -6.82 -11.63 -6.49
C LEU A 240 -7.78 -12.09 -7.58
N HIS A 241 -8.94 -12.61 -7.20
CA HIS A 241 -9.87 -13.17 -8.18
C HIS A 241 -10.50 -12.08 -9.04
N ALA A 242 -10.85 -10.95 -8.45
CA ALA A 242 -11.57 -9.90 -9.14
C ALA A 242 -10.63 -9.09 -10.03
N ASN B 3 -17.29 -9.41 -6.14
CA ASN B 3 -16.57 -9.23 -4.88
C ASN B 3 -17.52 -8.75 -3.79
N ALA B 4 -18.30 -9.69 -3.25
CA ALA B 4 -19.27 -9.34 -2.20
C ALA B 4 -18.58 -8.83 -0.94
N LEU B 5 -17.39 -9.36 -0.63
CA LEU B 5 -16.69 -8.93 0.58
C LEU B 5 -16.25 -7.47 0.47
N LEU B 6 -15.70 -7.07 -0.69
CA LEU B 6 -15.28 -5.69 -0.85
C LEU B 6 -16.47 -4.74 -0.78
N ARG B 7 -17.57 -5.09 -1.45
CA ARG B 7 -18.78 -4.27 -1.36
C ARG B 7 -19.25 -4.16 0.09
N TYR B 8 -19.21 -5.27 0.83
CA TYR B 8 -19.64 -5.25 2.23
C TYR B 8 -18.75 -4.34 3.07
N LEU B 9 -17.43 -4.42 2.88
CA LEU B 9 -16.53 -3.58 3.65
C LEU B 9 -16.73 -2.10 3.35
N LEU B 10 -17.16 -1.77 2.12
CA LEU B 10 -17.42 -0.38 1.77
C LEU B 10 -18.80 0.09 2.22
N ASP B 11 -19.74 -0.83 2.44
CA ASP B 11 -21.12 -0.48 2.77
C ASP B 11 -21.45 -0.61 4.26
N LYS B 12 -20.69 -1.41 5.01
CA LYS B 12 -21.11 -1.77 6.37
C LYS B 12 -21.10 -0.56 7.29
N ASP B 13 -22.00 -0.57 8.28
CA ASP B 13 -22.15 0.56 9.18
C ASP B 13 -21.23 0.48 10.39
N ASP B 14 -20.76 -0.70 10.75
CA ASP B 14 -19.74 -0.83 11.78
C ASP B 14 -18.70 -1.88 11.40
#